data_7BM9
#
_entry.id   7BM9
#
_cell.length_a   82.554
_cell.length_b   112.317
_cell.length_c   62.809
_cell.angle_alpha   90.000
_cell.angle_beta   90.000
_cell.angle_gamma   90.000
#
_symmetry.space_group_name_H-M   'C 2 2 21'
#
loop_
_entity.id
_entity.type
_entity.pdbx_description
1 polymer '14-3-3 protein sigma'
2 polymer VAL-ASN-LEU-SEP-ILE
3 non-polymer 'CHLORIDE ION'
4 non-polymer 'MAGNESIUM ION'
5 water water
#
loop_
_entity_poly.entity_id
_entity_poly.type
_entity_poly.pdbx_seq_one_letter_code
_entity_poly.pdbx_strand_id
1 'polypeptide(L)'
;GAMGSMERASLIQKAKLAEQAERYEDMAAFMKGAVEKGEELS(CSO)EERNLLSVAYKNVVGGQRAAWRVLSSIEQKSNE
EGSEEKGPEVREYREKVETELQGVCDTVLGLLDSHLIKEAGDAESRVFYLKMKGDYYRYLAEVATGDDKKRIIDSARSAY
QEAMDISKKEMPPTNPIRLGLALNFSVFHYEIANSPEEAISLAKTTFDEAMADLHTLSEDSYKDSTLIMQLLRDNLTLWT
ADNAGEEGGEAPQEPQS
;
A
2 'polypeptide(L)' VNL(SEP)I B
#
loop_
_chem_comp.id
_chem_comp.type
_chem_comp.name
_chem_comp.formula
CL non-polymer 'CHLORIDE ION' 'Cl -1'
MG non-polymer 'MAGNESIUM ION' 'Mg 2'
#
# COMPACT_ATOMS: atom_id res chain seq x y z
N GLY A 1 -9.37 -6.21 -22.99
CA GLY A 1 -9.87 -5.98 -21.62
C GLY A 1 -11.34 -5.67 -21.71
N ALA A 2 -12.10 -6.10 -20.70
CA ALA A 2 -13.55 -5.94 -20.72
C ALA A 2 -13.98 -4.49 -20.64
N MET A 3 -13.08 -3.58 -20.25
CA MET A 3 -13.38 -2.16 -20.18
C MET A 3 -12.92 -1.40 -21.42
N GLY A 4 -12.40 -2.11 -22.42
CA GLY A 4 -11.83 -1.46 -23.59
C GLY A 4 -12.82 -0.68 -24.42
N SER A 5 -14.10 -1.01 -24.33
CA SER A 5 -15.14 -0.32 -25.09
C SER A 5 -15.76 0.87 -24.36
N MET A 6 -15.39 1.12 -23.08
CA MET A 6 -15.97 2.22 -22.33
C MET A 6 -15.06 3.45 -22.34
N GLU A 7 -15.66 4.62 -22.51
CA GLU A 7 -14.94 5.89 -22.44
C GLU A 7 -14.17 6.03 -21.13
N ARG A 8 -12.97 6.62 -21.22
CA ARG A 8 -12.18 6.90 -20.02
C ARG A 8 -12.98 7.69 -18.98
N ALA A 9 -13.68 8.74 -19.42
CA ALA A 9 -14.40 9.56 -18.45
C ALA A 9 -15.52 8.77 -17.79
N SER A 10 -16.17 7.89 -18.55
CA SER A 10 -17.24 7.06 -18.00
C SER A 10 -16.70 6.07 -16.97
N LEU A 11 -15.52 5.50 -17.24
CA LEU A 11 -14.88 4.62 -16.27
C LEU A 11 -14.60 5.36 -14.96
N ILE A 12 -14.09 6.59 -15.05
CA ILE A 12 -13.83 7.37 -13.84
C ILE A 12 -15.12 7.71 -13.13
N GLN A 13 -16.16 8.12 -13.87
CA GLN A 13 -17.46 8.39 -13.25
C GLN A 13 -17.98 7.16 -12.51
N LYS A 14 -17.89 5.98 -13.14
CA LYS A 14 -18.40 4.76 -12.51
C LYS A 14 -17.52 4.31 -11.34
N ALA A 15 -16.20 4.56 -11.39
CA ALA A 15 -15.37 4.28 -10.23
C ALA A 15 -15.86 5.07 -9.01
N LYS A 16 -16.24 6.33 -9.22
CA LYS A 16 -16.71 7.15 -8.12
C LYS A 16 -18.06 6.66 -7.61
N LEU A 17 -18.92 6.18 -8.51
CA LEU A 17 -20.18 5.56 -8.09
C LEU A 17 -19.94 4.28 -7.29
N ALA A 18 -19.06 3.42 -7.78
CA ALA A 18 -18.75 2.19 -7.07
C ALA A 18 -18.24 2.47 -5.68
N GLU A 19 -17.38 3.49 -5.53
CA GLU A 19 -16.91 3.87 -4.21
C GLU A 19 -18.06 4.24 -3.28
N GLN A 20 -19.02 5.02 -3.79
CA GLN A 20 -20.18 5.40 -2.97
C GLN A 20 -21.00 4.19 -2.58
N ALA A 21 -21.05 3.18 -3.44
CA ALA A 21 -21.77 1.97 -3.20
C ALA A 21 -20.94 0.92 -2.47
N GLU A 22 -19.71 1.27 -2.09
CA GLU A 22 -18.76 0.36 -1.44
C GLU A 22 -18.58 -0.92 -2.25
N ARG A 23 -18.50 -0.76 -3.57
CA ARG A 23 -18.26 -1.86 -4.50
C ARG A 23 -16.82 -1.75 -5.02
N TYR A 24 -15.88 -2.15 -4.16
CA TYR A 24 -14.48 -1.85 -4.44
C TYR A 24 -13.88 -2.73 -5.52
N GLU A 25 -14.34 -3.98 -5.68
CA GLU A 25 -13.88 -4.78 -6.82
C GLU A 25 -14.27 -4.13 -8.15
N ASP A 26 -15.53 -3.70 -8.27
CA ASP A 26 -15.96 -2.91 -9.42
C ASP A 26 -15.11 -1.65 -9.58
N MET A 27 -14.91 -0.92 -8.47
CA MET A 27 -14.13 0.30 -8.54
C MET A 27 -12.74 0.03 -9.11
N ALA A 28 -12.09 -1.04 -8.63
CA ALA A 28 -10.76 -1.40 -9.11
C ALA A 28 -10.77 -1.76 -10.60
N ALA A 29 -11.77 -2.52 -11.03
CA ALA A 29 -11.83 -2.90 -12.44
C ALA A 29 -12.03 -1.67 -13.33
N PHE A 30 -12.85 -0.72 -12.89
CA PHE A 30 -13.05 0.51 -13.65
C PHE A 30 -11.75 1.30 -13.74
N MET A 31 -11.03 1.45 -12.63
CA MET A 31 -9.79 2.21 -12.66
C MET A 31 -8.70 1.50 -13.44
N LYS A 32 -8.64 0.16 -13.38
CA LYS A 32 -7.74 -0.58 -14.25
C LYS A 32 -8.04 -0.24 -15.71
N GLY A 33 -9.32 -0.22 -16.07
CA GLY A 33 -9.69 0.15 -17.44
C GLY A 33 -9.24 1.55 -17.79
N ALA A 34 -9.39 2.49 -16.85
CA ALA A 34 -8.95 3.87 -17.07
C ALA A 34 -7.45 3.94 -17.28
N VAL A 35 -6.67 3.24 -16.45
CA VAL A 35 -5.22 3.24 -16.64
C VAL A 35 -4.86 2.71 -18.02
N GLU A 36 -5.50 1.61 -18.43
CA GLU A 36 -5.17 0.96 -19.69
C GLU A 36 -5.53 1.81 -20.92
N LYS A 37 -6.28 2.91 -20.76
CA LYS A 37 -6.42 3.86 -21.86
C LYS A 37 -5.08 4.49 -22.26
N GLY A 38 -4.09 4.47 -21.37
CA GLY A 38 -2.73 4.90 -21.72
C GLY A 38 -2.40 6.34 -21.40
N GLU A 39 -3.36 7.16 -20.98
CA GLU A 39 -3.07 8.52 -20.55
C GLU A 39 -2.62 8.54 -19.09
N GLU A 40 -1.80 9.52 -18.76
CA GLU A 40 -1.40 9.71 -17.38
C GLU A 40 -2.63 10.01 -16.53
N LEU A 41 -2.48 9.80 -15.23
CA LEU A 41 -3.56 9.98 -14.27
C LEU A 41 -3.39 11.30 -13.52
N SER A 42 -4.49 12.01 -13.34
CA SER A 42 -4.52 13.18 -12.48
C SER A 42 -4.35 12.79 -11.01
N CSO A 43 -4.15 13.79 -10.15
CA CSO A 43 -4.05 13.51 -8.71
CB CSO A 43 -3.83 14.83 -7.96
SG CSO A 43 -3.63 14.60 -6.18
C CSO A 43 -5.30 12.78 -8.17
O CSO A 43 -5.20 11.76 -7.49
OD CSO A 43 -5.27 14.53 -5.43
HB2 CSO A 43 -4.58 15.42 -8.11
HB3 CSO A 43 -3.02 15.26 -8.29
HD CSO A 43 -5.87 15.14 -5.87
N GLU A 44 -6.47 13.28 -8.54
CA GLU A 44 -7.71 12.66 -8.08
C GLU A 44 -7.85 11.23 -8.61
N GLU A 45 -7.47 11.02 -9.87
CA GLU A 45 -7.55 9.69 -10.48
C GLU A 45 -6.57 8.71 -9.83
N ARG A 46 -5.35 9.15 -9.50
CA ARG A 46 -4.40 8.27 -8.82
C ARG A 46 -4.96 7.83 -7.48
N ASN A 47 -5.64 8.72 -6.80
CA ASN A 47 -6.17 8.34 -5.49
C ASN A 47 -7.37 7.43 -5.63
N LEU A 48 -8.13 7.53 -6.72
CA LEU A 48 -9.21 6.56 -6.93
C LEU A 48 -8.62 5.16 -7.16
N LEU A 49 -7.56 5.10 -7.96
CA LEU A 49 -6.87 3.84 -8.19
C LEU A 49 -6.40 3.22 -6.89
N SER A 50 -5.75 4.01 -6.04
N SER A 50 -5.75 4.02 -6.04
CA SER A 50 -5.19 3.46 -4.81
CA SER A 50 -5.18 3.52 -4.79
C SER A 50 -6.27 3.08 -3.80
C SER A 50 -6.27 3.08 -3.83
N VAL A 51 -7.31 3.91 -3.66
CA VAL A 51 -8.42 3.57 -2.77
C VAL A 51 -9.02 2.22 -3.16
N ALA A 52 -9.24 2.01 -4.46
CA ALA A 52 -9.93 0.80 -4.90
C ALA A 52 -9.13 -0.45 -4.58
N TYR A 53 -7.87 -0.49 -5.01
CA TYR A 53 -7.09 -1.71 -4.78
C TYR A 53 -6.72 -1.85 -3.31
N LYS A 54 -6.55 -0.74 -2.58
CA LYS A 54 -6.28 -0.86 -1.14
C LYS A 54 -7.41 -1.60 -0.44
N ASN A 55 -8.67 -1.31 -0.81
CA ASN A 55 -9.80 -1.96 -0.18
C ASN A 55 -9.90 -3.41 -0.59
N VAL A 56 -9.70 -3.70 -1.88
CA VAL A 56 -9.74 -5.09 -2.33
C VAL A 56 -8.69 -5.92 -1.61
N VAL A 57 -7.43 -5.48 -1.67
CA VAL A 57 -6.35 -6.27 -1.10
C VAL A 57 -6.44 -6.28 0.42
N GLY A 58 -6.97 -5.21 1.02
CA GLY A 58 -7.14 -5.17 2.46
C GLY A 58 -8.05 -6.27 2.97
N GLY A 59 -9.17 -6.50 2.27
CA GLY A 59 -10.05 -7.60 2.64
C GLY A 59 -9.41 -8.97 2.44
N GLN A 60 -8.63 -9.13 1.36
CA GLN A 60 -7.93 -10.38 1.12
C GLN A 60 -6.89 -10.64 2.20
N ARG A 61 -6.16 -9.61 2.60
CA ARG A 61 -5.14 -9.77 3.63
C ARG A 61 -5.76 -10.18 4.96
N ALA A 62 -6.87 -9.54 5.33
CA ALA A 62 -7.56 -9.89 6.56
C ALA A 62 -8.05 -11.34 6.52
N ALA A 63 -8.64 -11.75 5.40
CA ALA A 63 -9.07 -13.15 5.26
C ALA A 63 -7.88 -14.10 5.35
N TRP A 64 -6.78 -13.76 4.68
CA TRP A 64 -5.60 -14.61 4.72
C TRP A 64 -5.10 -14.78 6.15
N ARG A 65 -5.11 -13.71 6.94
CA ARG A 65 -4.61 -13.80 8.31
CA ARG A 65 -4.61 -13.80 8.31
C ARG A 65 -5.50 -14.71 9.16
N VAL A 66 -6.83 -14.58 9.01
CA VAL A 66 -7.75 -15.48 9.70
C VAL A 66 -7.40 -16.93 9.38
N LEU A 67 -7.24 -17.24 8.09
CA LEU A 67 -7.04 -18.62 7.65
C LEU A 67 -5.65 -19.12 8.06
N SER A 68 -4.63 -18.28 7.90
CA SER A 68 -3.28 -18.67 8.33
C SER A 68 -3.24 -18.97 9.83
N SER A 69 -4.00 -18.24 10.64
CA SER A 69 -4.05 -18.51 12.08
C SER A 69 -4.72 -19.86 12.36
N ILE A 70 -5.81 -20.17 11.67
CA ILE A 70 -6.43 -21.48 11.81
C ILE A 70 -5.44 -22.56 11.41
N GLU A 71 -4.71 -22.32 10.33
CA GLU A 71 -3.78 -23.32 9.82
C GLU A 71 -2.66 -23.56 10.81
N GLN A 72 -2.12 -22.49 11.40
CA GLN A 72 -1.03 -22.65 12.36
C GLN A 72 -1.51 -23.42 13.59
N LYS A 73 -2.73 -23.16 14.05
CA LYS A 73 -3.25 -23.90 15.18
C LYS A 73 -3.35 -25.39 14.86
N SER A 74 -3.83 -25.73 13.66
CA SER A 74 -3.97 -27.12 13.29
C SER A 74 -2.65 -27.87 13.28
N ASN A 75 -1.53 -27.16 13.22
CA ASN A 75 -0.21 -27.77 13.23
C ASN A 75 0.45 -27.71 14.61
N GLU A 76 -0.32 -27.44 15.66
CA GLU A 76 0.20 -27.46 17.03
C GLU A 76 0.17 -28.89 17.58
N GLU A 77 0.83 -29.07 18.73
CA GLU A 77 0.80 -30.34 19.44
C GLU A 77 -0.61 -30.63 19.95
N GLY A 78 -1.13 -31.81 19.65
CA GLY A 78 -2.43 -32.22 20.13
C GLY A 78 -3.61 -31.82 19.28
N SER A 79 -3.36 -31.24 18.11
CA SER A 79 -4.44 -30.82 17.22
C SER A 79 -4.87 -32.00 16.36
N GLU A 80 -6.17 -32.26 16.33
CA GLU A 80 -6.69 -33.38 15.54
C GLU A 80 -6.49 -33.10 14.05
N GLU A 81 -6.13 -34.15 13.31
CA GLU A 81 -5.95 -34.02 11.88
C GLU A 81 -7.30 -33.77 11.20
N LYS A 82 -7.35 -32.77 10.31
CA LYS A 82 -8.59 -32.40 9.67
C LYS A 82 -8.51 -32.44 8.15
N GLY A 83 -7.39 -32.92 7.60
CA GLY A 83 -7.25 -33.05 6.17
C GLY A 83 -6.66 -31.82 5.55
N PRO A 84 -6.67 -31.76 4.22
CA PRO A 84 -5.97 -30.71 3.49
C PRO A 84 -6.78 -29.43 3.33
N GLU A 85 -8.01 -29.38 3.83
CA GLU A 85 -8.93 -28.31 3.46
C GLU A 85 -8.45 -26.94 3.91
N VAL A 86 -7.95 -26.83 5.15
CA VAL A 86 -7.53 -25.52 5.64
C VAL A 86 -6.40 -24.97 4.77
N ARG A 87 -5.39 -25.82 4.50
CA ARG A 87 -4.29 -25.39 3.65
C ARG A 87 -4.77 -25.03 2.26
N GLU A 88 -5.65 -25.84 1.70
CA GLU A 88 -6.15 -25.58 0.34
C GLU A 88 -6.82 -24.22 0.25
N TYR A 89 -7.67 -23.92 1.22
CA TYR A 89 -8.45 -22.69 1.15
C TYR A 89 -7.57 -21.48 1.48
N ARG A 90 -6.64 -21.62 2.44
CA ARG A 90 -5.65 -20.56 2.63
C ARG A 90 -4.88 -20.31 1.33
N GLU A 91 -4.48 -21.38 0.64
CA GLU A 91 -3.78 -21.25 -0.63
C GLU A 91 -4.64 -20.56 -1.69
N LYS A 92 -5.94 -20.84 -1.71
CA LYS A 92 -6.83 -20.20 -2.68
C LYS A 92 -6.89 -18.70 -2.46
N VAL A 93 -7.08 -18.29 -1.22
CA VAL A 93 -7.12 -16.86 -0.91
C VAL A 93 -5.77 -16.22 -1.19
N GLU A 94 -4.69 -16.89 -0.79
CA GLU A 94 -3.35 -16.39 -1.03
C GLU A 94 -3.09 -16.18 -2.52
N THR A 95 -3.52 -17.13 -3.35
CA THR A 95 -3.31 -17.00 -4.79
C THR A 95 -4.07 -15.82 -5.37
N GLU A 96 -5.32 -15.59 -4.92
CA GLU A 96 -6.11 -14.47 -5.39
CA GLU A 96 -6.09 -14.47 -5.40
C GLU A 96 -5.47 -13.14 -4.97
N LEU A 97 -5.01 -13.08 -3.73
CA LEU A 97 -4.28 -11.91 -3.23
C LEU A 97 -3.05 -11.61 -4.07
N GLN A 98 -2.22 -12.62 -4.34
CA GLN A 98 -1.04 -12.43 -5.17
C GLN A 98 -1.44 -11.96 -6.56
N GLY A 99 -2.54 -12.48 -7.09
CA GLY A 99 -3.00 -12.04 -8.39
C GLY A 99 -3.34 -10.56 -8.41
N VAL A 100 -4.02 -10.08 -7.37
CA VAL A 100 -4.31 -8.65 -7.27
C VAL A 100 -3.02 -7.84 -7.18
N CYS A 101 -2.07 -8.29 -6.37
CA CYS A 101 -0.81 -7.56 -6.26
C CYS A 101 -0.08 -7.53 -7.59
N ASP A 102 -0.06 -8.66 -8.30
CA ASP A 102 0.59 -8.69 -9.60
C ASP A 102 -0.09 -7.75 -10.59
N THR A 103 -1.41 -7.65 -10.52
CA THR A 103 -2.14 -6.78 -11.42
C THR A 103 -1.74 -5.33 -11.19
N VAL A 104 -1.68 -4.91 -9.92
CA VAL A 104 -1.29 -3.54 -9.60
C VAL A 104 0.13 -3.28 -10.05
N LEU A 105 1.05 -4.19 -9.71
CA LEU A 105 2.44 -4.01 -10.10
C LEU A 105 2.58 -3.96 -11.61
N GLY A 106 1.75 -4.71 -12.31
CA GLY A 106 1.75 -4.66 -13.76
C GLY A 106 1.32 -3.31 -14.31
N LEU A 107 0.29 -2.70 -13.71
CA LEU A 107 -0.11 -1.36 -14.13
C LEU A 107 0.99 -0.36 -13.87
N LEU A 108 1.66 -0.47 -12.73
CA LEU A 108 2.75 0.45 -12.42
C LEU A 108 3.89 0.31 -13.43
N ASP A 109 4.19 -0.91 -13.84
CA ASP A 109 5.30 -1.16 -14.77
C ASP A 109 4.92 -0.95 -16.22
N SER A 110 3.62 -1.00 -16.53
CA SER A 110 3.10 -0.81 -17.89
C SER A 110 1.88 0.12 -17.90
N HIS A 111 2.10 1.44 -17.80
CA HIS A 111 3.38 2.12 -17.91
C HIS A 111 3.38 3.34 -17.02
N LEU A 112 2.73 3.24 -15.86
CA LEU A 112 2.49 4.43 -15.04
C LEU A 112 3.79 5.04 -14.53
N ILE A 113 4.72 4.21 -14.01
CA ILE A 113 5.90 4.79 -13.38
C ILE A 113 6.80 5.48 -14.41
N LYS A 114 7.00 4.86 -15.57
CA LYS A 114 7.96 5.44 -16.51
C LYS A 114 7.49 6.77 -17.09
N GLU A 115 6.18 7.02 -17.09
CA GLU A 115 5.67 8.29 -17.57
C GLU A 115 5.52 9.33 -16.47
N ALA A 116 5.77 8.98 -15.21
CA ALA A 116 5.52 9.90 -14.09
C ALA A 116 6.78 10.71 -13.83
N GLY A 117 6.70 12.01 -14.11
CA GLY A 117 7.84 12.88 -13.95
C GLY A 117 7.77 13.87 -12.80
N ASP A 118 6.58 14.26 -12.39
CA ASP A 118 6.41 15.14 -11.25
C ASP A 118 6.58 14.36 -9.96
N ALA A 119 7.16 15.01 -8.94
CA ALA A 119 7.39 14.34 -7.67
C ALA A 119 6.12 13.73 -7.08
N GLU A 120 4.99 14.43 -7.19
N GLU A 120 4.99 14.43 -7.20
CA GLU A 120 3.77 13.97 -6.54
CA GLU A 120 3.76 13.97 -6.55
C GLU A 120 3.22 12.71 -7.18
C GLU A 120 3.25 12.68 -7.18
N SER A 121 3.40 12.54 -8.49
CA SER A 121 3.00 11.29 -9.13
C SER A 121 4.05 10.21 -8.96
N ARG A 122 5.32 10.56 -9.17
CA ARG A 122 6.36 9.52 -9.11
C ARG A 122 6.49 8.92 -7.71
N VAL A 123 6.46 9.76 -6.66
CA VAL A 123 6.53 9.23 -5.30
C VAL A 123 5.31 8.40 -4.99
N PHE A 124 4.14 8.87 -5.39
CA PHE A 124 2.90 8.14 -5.18
C PHE A 124 2.98 6.73 -5.78
N TYR A 125 3.46 6.62 -7.02
CA TYR A 125 3.47 5.32 -7.69
C TYR A 125 4.54 4.41 -7.09
N LEU A 126 5.69 4.98 -6.70
CA LEU A 126 6.73 4.16 -6.10
C LEU A 126 6.34 3.70 -4.70
N LYS A 127 5.60 4.52 -3.97
CA LYS A 127 5.00 4.05 -2.71
C LYS A 127 4.08 2.86 -2.96
N MET A 128 3.24 2.96 -3.98
CA MET A 128 2.36 1.85 -4.33
C MET A 128 3.15 0.60 -4.65
N LYS A 129 4.23 0.75 -5.43
CA LYS A 129 5.04 -0.41 -5.77
C LYS A 129 5.63 -1.04 -4.50
N GLY A 130 6.15 -0.21 -3.59
CA GLY A 130 6.61 -0.74 -2.31
C GLY A 130 5.51 -1.44 -1.53
N ASP A 131 4.34 -0.80 -1.45
CA ASP A 131 3.21 -1.38 -0.71
C ASP A 131 2.83 -2.76 -1.25
N TYR A 132 2.71 -2.90 -2.58
CA TYR A 132 2.20 -4.18 -3.08
C TYR A 132 3.27 -5.27 -3.07
N TYR A 133 4.55 -4.92 -3.17
CA TYR A 133 5.57 -5.92 -2.88
C TYR A 133 5.60 -6.29 -1.39
N ARG A 134 5.30 -5.34 -0.50
CA ARG A 134 5.17 -5.65 0.91
C ARG A 134 4.03 -6.64 1.16
N TYR A 135 2.90 -6.48 0.47
CA TYR A 135 1.81 -7.43 0.64
C TYR A 135 2.20 -8.80 0.12
N LEU A 136 2.90 -8.86 -1.02
CA LEU A 136 3.46 -10.14 -1.44
C LEU A 136 4.39 -10.71 -0.37
N ALA A 137 5.20 -9.84 0.26
CA ALA A 137 6.16 -10.33 1.25
C ALA A 137 5.49 -10.91 2.47
N GLU A 138 4.32 -10.36 2.85
CA GLU A 138 3.61 -10.85 4.02
C GLU A 138 3.24 -12.33 3.91
N VAL A 139 3.00 -12.82 2.70
CA VAL A 139 2.57 -14.21 2.47
C VAL A 139 3.68 -15.05 1.89
N ALA A 140 4.86 -14.50 1.67
CA ALA A 140 5.93 -15.22 1.00
C ALA A 140 6.63 -16.17 1.97
N THR A 141 6.94 -17.37 1.48
CA THR A 141 7.63 -18.38 2.29
C THR A 141 8.71 -19.13 1.53
N GLY A 142 8.93 -18.87 0.24
CA GLY A 142 9.78 -19.67 -0.60
C GLY A 142 11.11 -19.04 -0.92
N ASP A 143 11.71 -19.51 -2.03
CA ASP A 143 13.05 -19.10 -2.44
C ASP A 143 13.10 -17.63 -2.86
N ASP A 144 11.97 -17.07 -3.27
CA ASP A 144 11.91 -15.69 -3.75
C ASP A 144 11.63 -14.69 -2.64
N LYS A 145 11.44 -15.16 -1.40
CA LYS A 145 11.08 -14.28 -0.30
C LYS A 145 12.06 -13.12 -0.16
N LYS A 146 13.36 -13.39 -0.24
CA LYS A 146 14.31 -12.31 -0.02
C LYS A 146 14.28 -11.31 -1.16
N ARG A 147 14.08 -11.80 -2.39
CA ARG A 147 14.02 -10.89 -3.52
C ARG A 147 12.75 -10.05 -3.48
N ILE A 148 11.64 -10.64 -3.01
CA ILE A 148 10.39 -9.88 -2.87
C ILE A 148 10.59 -8.75 -1.86
N ILE A 149 11.23 -9.06 -0.73
CA ILE A 149 11.48 -8.06 0.30
C ILE A 149 12.37 -6.94 -0.25
N ASP A 150 13.41 -7.32 -0.99
CA ASP A 150 14.32 -6.30 -1.52
C ASP A 150 13.64 -5.45 -2.59
N SER A 151 12.70 -6.03 -3.34
CA SER A 151 11.95 -5.22 -4.28
C SER A 151 11.10 -4.17 -3.58
N ALA A 152 10.46 -4.55 -2.47
CA ALA A 152 9.72 -3.58 -1.67
C ALA A 152 10.67 -2.49 -1.16
N ARG A 153 11.78 -2.89 -0.56
CA ARG A 153 12.74 -1.93 -0.01
C ARG A 153 13.23 -0.96 -1.08
N SER A 154 13.59 -1.49 -2.25
CA SER A 154 14.14 -0.66 -3.31
C SER A 154 13.15 0.39 -3.79
N ALA A 155 11.87 0.01 -3.93
CA ALA A 155 10.86 0.96 -4.36
C ALA A 155 10.62 2.04 -3.33
N TYR A 156 10.46 1.64 -2.05
CA TYR A 156 10.34 2.59 -0.95
C TYR A 156 11.52 3.53 -0.89
N GLN A 157 12.73 3.03 -1.10
CA GLN A 157 13.93 3.84 -0.98
C GLN A 157 14.01 4.89 -2.09
N GLU A 158 13.67 4.50 -3.33
CA GLU A 158 13.65 5.48 -4.41
C GLU A 158 12.62 6.56 -4.14
N ALA A 159 11.44 6.18 -3.63
CA ALA A 159 10.41 7.15 -3.29
C ALA A 159 10.86 8.08 -2.16
N MET A 160 11.55 7.53 -1.17
CA MET A 160 12.03 8.36 -0.06
C MET A 160 13.03 9.39 -0.55
N ASP A 161 13.99 8.95 -1.39
CA ASP A 161 15.01 9.84 -1.91
C ASP A 161 14.40 11.02 -2.65
N ILE A 162 13.41 10.75 -3.51
CA ILE A 162 12.74 11.82 -4.26
C ILE A 162 11.94 12.71 -3.32
N SER A 163 11.21 12.10 -2.38
CA SER A 163 10.36 12.88 -1.49
C SER A 163 11.18 13.82 -0.63
N LYS A 164 12.35 13.38 -0.17
CA LYS A 164 13.15 14.26 0.67
C LYS A 164 13.75 15.41 -0.15
N LYS A 165 14.04 15.18 -1.42
CA LYS A 165 14.59 16.23 -2.26
C LYS A 165 13.53 17.22 -2.72
N GLU A 166 12.33 16.71 -3.04
CA GLU A 166 11.37 17.46 -3.84
C GLU A 166 10.14 17.91 -3.07
N MET A 167 9.92 17.44 -1.85
CA MET A 167 8.70 17.72 -1.11
C MET A 167 9.00 18.26 0.27
N PRO A 168 8.13 19.10 0.82
CA PRO A 168 8.29 19.54 2.20
C PRO A 168 7.99 18.41 3.17
N PRO A 169 8.48 18.52 4.40
CA PRO A 169 8.33 17.42 5.37
C PRO A 169 6.90 17.16 5.77
N THR A 170 5.98 18.10 5.54
CA THR A 170 4.58 17.93 5.88
C THR A 170 3.75 17.38 4.73
N ASN A 171 4.33 17.22 3.56
CA ASN A 171 3.57 16.74 2.40
CA ASN A 171 3.57 16.74 2.40
C ASN A 171 2.88 15.42 2.72
N PRO A 172 1.57 15.30 2.53
CA PRO A 172 0.90 14.05 2.94
C PRO A 172 1.39 12.80 2.22
N ILE A 173 1.82 12.91 0.96
CA ILE A 173 2.36 11.73 0.26
C ILE A 173 3.67 11.33 0.91
N ARG A 174 4.55 12.30 1.13
CA ARG A 174 5.80 12.03 1.85
C ARG A 174 5.54 11.39 3.20
N LEU A 175 4.59 11.92 3.97
CA LEU A 175 4.32 11.39 5.31
C LEU A 175 3.77 9.97 5.27
N GLY A 176 2.87 9.67 4.33
CA GLY A 176 2.32 8.33 4.23
C GLY A 176 3.34 7.33 3.72
N LEU A 177 4.20 7.77 2.80
CA LEU A 177 5.30 6.91 2.37
C LEU A 177 6.16 6.55 3.57
N ALA A 178 6.53 7.54 4.38
CA ALA A 178 7.39 7.26 5.52
C ALA A 178 6.70 6.34 6.52
N LEU A 179 5.42 6.58 6.79
CA LEU A 179 4.64 5.69 7.64
C LEU A 179 4.76 4.24 7.16
N ASN A 180 4.49 4.01 5.87
CA ASN A 180 4.45 2.63 5.37
C ASN A 180 5.85 2.01 5.31
N PHE A 181 6.87 2.81 4.97
CA PHE A 181 8.23 2.28 4.97
C PHE A 181 8.65 1.89 6.39
N SER A 182 8.22 2.67 7.38
CA SER A 182 8.47 2.30 8.77
CA SER A 182 8.51 2.27 8.77
C SER A 182 7.80 0.97 9.12
N VAL A 183 6.55 0.76 8.67
CA VAL A 183 5.87 -0.52 8.86
C VAL A 183 6.63 -1.65 8.17
N PHE A 184 7.11 -1.40 6.95
CA PHE A 184 7.98 -2.38 6.27
C PHE A 184 9.15 -2.78 7.18
N HIS A 185 9.86 -1.78 7.73
CA HIS A 185 11.00 -2.08 8.59
C HIS A 185 10.59 -2.95 9.77
N TYR A 186 9.49 -2.60 10.42
CA TYR A 186 9.08 -3.27 11.64
C TYR A 186 8.58 -4.69 11.37
N GLU A 187 7.73 -4.82 10.37
CA GLU A 187 6.93 -6.02 10.16
C GLU A 187 7.56 -6.99 9.17
N ILE A 188 8.28 -6.51 8.18
CA ILE A 188 8.81 -7.32 7.10
C ILE A 188 10.30 -7.54 7.24
N ALA A 189 11.05 -6.46 7.51
CA ALA A 189 12.51 -6.50 7.48
C ALA A 189 13.14 -6.83 8.83
N ASN A 190 12.36 -7.09 9.85
CA ASN A 190 12.88 -7.43 11.17
C ASN A 190 13.81 -6.34 11.70
N SER A 191 13.43 -5.08 11.47
CA SER A 191 14.27 -3.92 11.81
C SER A 191 13.48 -2.92 12.64
N PRO A 192 13.06 -3.30 13.84
CA PRO A 192 12.21 -2.37 14.62
C PRO A 192 12.92 -1.08 14.96
N GLU A 193 14.24 -1.12 15.21
CA GLU A 193 14.92 0.13 15.53
C GLU A 193 14.88 1.11 14.35
N GLU A 194 15.07 0.60 13.12
CA GLU A 194 14.96 1.44 11.94
C GLU A 194 13.54 1.99 11.82
N ALA A 195 12.53 1.14 12.03
CA ALA A 195 11.14 1.58 12.00
C ALA A 195 10.88 2.74 12.97
N ILE A 196 11.37 2.62 14.20
CA ILE A 196 11.13 3.62 15.23
C ILE A 196 11.87 4.92 14.89
N SER A 197 13.13 4.81 14.46
CA SER A 197 13.90 5.99 14.09
CA SER A 197 13.90 5.99 14.09
C SER A 197 13.23 6.75 12.95
N LEU A 198 12.80 6.02 11.92
CA LEU A 198 12.15 6.68 10.79
C LEU A 198 10.87 7.39 11.24
N ALA A 199 10.04 6.72 12.02
CA ALA A 199 8.77 7.33 12.42
C ALA A 199 8.99 8.58 13.24
N LYS A 200 9.96 8.54 14.16
CA LYS A 200 10.24 9.68 15.04
C LYS A 200 10.81 10.86 14.27
N THR A 201 11.81 10.61 13.43
N THR A 201 11.80 10.62 13.41
CA THR A 201 12.40 11.68 12.63
CA THR A 201 12.38 11.71 12.65
C THR A 201 11.35 12.28 11.69
C THR A 201 11.35 12.29 11.69
N THR A 202 10.53 11.44 11.07
CA THR A 202 9.49 11.93 10.17
C THR A 202 8.52 12.81 10.93
N PHE A 203 8.08 12.36 12.10
CA PHE A 203 7.14 13.12 12.91
C PHE A 203 7.74 14.47 13.31
N ASP A 204 8.98 14.46 13.82
CA ASP A 204 9.60 15.67 14.33
C ASP A 204 9.83 16.69 13.22
N GLU A 205 10.29 16.25 12.05
CA GLU A 205 10.51 17.18 10.96
C GLU A 205 9.21 17.76 10.44
N ALA A 206 8.13 16.98 10.46
CA ALA A 206 6.84 17.53 10.06
C ALA A 206 6.35 18.55 11.07
N MET A 207 6.43 18.20 12.36
CA MET A 207 6.04 19.13 13.42
C MET A 207 6.66 20.51 13.21
N ALA A 208 7.94 20.54 12.86
CA ALA A 208 8.66 21.81 12.73
C ALA A 208 8.27 22.57 11.48
N ASP A 209 7.56 21.95 10.52
CA ASP A 209 7.13 22.62 9.29
C ASP A 209 5.64 23.01 9.33
N LEU A 210 4.90 22.59 10.37
CA LEU A 210 3.48 22.87 10.39
C LEU A 210 3.18 24.36 10.30
N HIS A 211 4.08 25.21 10.79
CA HIS A 211 3.79 26.64 10.89
C HIS A 211 3.63 27.29 9.52
N THR A 212 4.11 26.64 8.47
CA THR A 212 4.05 27.17 7.12
C THR A 212 2.68 26.95 6.45
N LEU A 213 1.81 26.18 7.08
CA LEU A 213 0.65 25.60 6.42
C LEU A 213 -0.64 26.37 6.71
N SER A 214 -1.57 26.30 5.76
CA SER A 214 -2.93 26.71 6.00
C SER A 214 -3.63 25.75 6.96
N GLU A 215 -4.80 26.19 7.43
CA GLU A 215 -5.61 25.35 8.31
C GLU A 215 -5.94 24.01 7.65
N ASP A 216 -6.31 24.02 6.37
CA ASP A 216 -6.70 22.76 5.72
C ASP A 216 -5.49 21.83 5.52
N SER A 217 -4.35 22.38 5.12
CA SER A 217 -3.13 21.58 4.99
C SER A 217 -2.66 21.07 6.35
N TYR A 218 -2.75 21.92 7.37
CA TYR A 218 -2.45 21.50 8.74
C TYR A 218 -3.28 20.28 9.15
N LYS A 219 -4.58 20.28 8.82
CA LYS A 219 -5.41 19.12 9.15
C LYS A 219 -4.98 17.87 8.38
N ASP A 220 -4.67 18.00 7.09
CA ASP A 220 -4.22 16.85 6.30
C ASP A 220 -2.94 16.25 6.88
N SER A 221 -1.97 17.11 7.22
CA SER A 221 -0.67 16.64 7.69
C SER A 221 -0.75 16.05 9.10
N THR A 222 -1.45 16.73 10.02
CA THR A 222 -1.51 16.22 11.38
C THR A 222 -2.24 14.88 11.45
N LEU A 223 -3.17 14.64 10.52
CA LEU A 223 -3.87 13.37 10.53
C LEU A 223 -2.89 12.21 10.35
N ILE A 224 -1.95 12.33 9.41
CA ILE A 224 -0.99 11.26 9.17
C ILE A 224 0.08 11.25 10.24
N MET A 225 0.45 12.42 10.77
CA MET A 225 1.38 12.46 11.88
C MET A 225 0.84 11.66 13.05
N GLN A 226 -0.48 11.71 13.29
CA GLN A 226 -1.04 10.94 14.39
C GLN A 226 -0.88 9.44 14.17
N LEU A 227 -0.91 8.98 12.91
CA LEU A 227 -0.66 7.56 12.65
C LEU A 227 0.78 7.17 12.97
N LEU A 228 1.76 8.01 12.62
CA LEU A 228 3.13 7.81 13.07
C LEU A 228 3.20 7.69 14.58
N ARG A 229 2.52 8.60 15.29
CA ARG A 229 2.55 8.58 16.75
C ARG A 229 1.89 7.31 17.30
N ASP A 230 0.78 6.89 16.70
CA ASP A 230 0.11 5.67 17.17
C ASP A 230 1.03 4.46 17.03
N ASN A 231 1.77 4.37 15.92
CA ASN A 231 2.70 3.27 15.76
C ASN A 231 3.81 3.34 16.79
N LEU A 232 4.40 4.53 17.00
CA LEU A 232 5.43 4.67 18.01
C LEU A 232 4.93 4.25 19.39
N THR A 233 3.67 4.55 19.70
CA THR A 233 3.13 4.17 20.99
C THR A 233 2.99 2.66 21.09
N LEU A 234 2.63 2.01 19.99
CA LEU A 234 2.57 0.56 19.96
C LEU A 234 3.96 -0.08 20.05
N TRP A 235 4.96 0.54 19.42
CA TRP A 235 6.26 -0.12 19.25
C TRP A 235 7.24 0.17 20.38
N THR A 236 6.99 1.19 21.19
CA THR A 236 7.89 1.58 22.28
C THR A 236 7.26 1.52 23.68
N VAL B 1 -2.94 -3.55 15.37
CA VAL B 1 -2.22 -3.77 14.12
C VAL B 1 -1.39 -2.52 13.78
N ASN B 2 -0.38 -2.69 12.92
CA ASN B 2 0.41 -1.55 12.46
C ASN B 2 -0.43 -0.65 11.57
N LEU B 3 -0.30 0.64 11.77
CA LEU B 3 -1.05 1.59 11.01
C LEU B 3 -0.30 1.92 9.72
N SEP B 4 -1.01 1.77 8.61
CA SEP B 4 -0.49 2.14 7.31
CB SEP B 4 -0.13 0.88 6.48
OG SEP B 4 -1.31 0.15 6.26
C SEP B 4 -1.55 2.96 6.61
O SEP B 4 -2.69 3.08 7.08
P SEP B 4 -1.18 -1.12 5.30
O1P SEP B 4 -2.68 -1.66 5.14
O2P SEP B 4 -0.59 -0.66 3.89
O3P SEP B 4 -0.32 -2.22 6.04
N ILE B 5 -1.18 3.56 5.49
CA ILE B 5 -2.12 4.40 4.79
C ILE B 5 -2.02 4.20 3.29
CL CL C . -21.50 -0.47 -15.92
MG MG D . -12.47 8.09 -25.92
MG MG E . 4.70 12.60 -17.64
#